data_4W4V
#
_entry.id   4W4V
#
_cell.length_a   52.023
_cell.length_b   71.325
_cell.length_c   107.904
_cell.angle_alpha   90.00
_cell.angle_beta   90.00
_cell.angle_gamma   90.00
#
_symmetry.space_group_name_H-M   'P 21 21 21'
#
loop_
_entity.id
_entity.type
_entity.pdbx_description
1 polymer 'c-Jun N-terminal kinase 3'
2 non-polymer 3-(4-{[(2-chlorophenyl)carbamoyl]amino}-1H-pyrazol-1-yl)-N-(2-methylpyridin-4-yl)benzamide
3 water water
#
_entity_poly.entity_id   1
_entity_poly.type   'polypeptide(L)'
_entity_poly.pdbx_seq_one_letter_code
;MAMSKSKVDNQFYSVEVGDSTFTVLKRYQNLKPIGSGAQGIVCAAYDAVLDRNVAIKKLSRPFQNQTHAKRAYRELVLMK
CVNHKNIISLLNVFTPQKTLEEFQDVYLVMELMDANLCQVIQMELDHERMSYLLYQMLCGIKHLHSAGIIHRDLKPSNIV
VKSDCTLKILDFGLARTAGTSFMMTPYVVTRYYRAPEVILGMGYKENVDIWSVGCIMGEMVRHKILFPGRDYIDQWNKVI
EQLGTPCPEFMKKLQPTVRNYVENRPKYAGLTFPKLFPDSLFPADSEHNKLKASQARDLLSKMLVIDPAKRISVDDALQH
PYINVWYDPAEVEAPPPQIYDKQLDEREHTIEEWKELIYKEVMNSE
;
_entity_poly.pdbx_strand_id   A
#
# COMPACT_ATOMS: atom_id res chain seq x y z
N ASP A 9 -14.30 17.53 32.65
CA ASP A 9 -15.64 16.98 32.79
C ASP A 9 -16.06 16.31 31.46
N ASN A 10 -15.85 17.01 30.34
CA ASN A 10 -16.10 16.45 29.02
C ASN A 10 -14.85 15.62 28.70
N GLN A 11 -15.04 14.36 28.28
CA GLN A 11 -13.97 13.41 27.93
C GLN A 11 -13.12 13.88 26.72
N PHE A 12 -13.63 14.82 25.92
CA PHE A 12 -13.04 15.30 24.67
C PHE A 12 -12.73 16.76 24.65
N TYR A 13 -11.87 17.16 23.72
CA TYR A 13 -11.53 18.56 23.48
C TYR A 13 -11.24 18.68 22.01
N SER A 14 -11.39 19.89 21.44
CA SER A 14 -11.17 20.08 20.02
C SER A 14 -10.08 21.08 19.74
N VAL A 15 -9.25 20.77 18.77
CA VAL A 15 -8.08 21.52 18.35
C VAL A 15 -8.00 21.66 16.83
N GLU A 16 -7.49 22.81 16.35
CA GLU A 16 -7.33 23.06 14.93
C GLU A 16 -5.95 22.64 14.46
N VAL A 17 -5.91 21.64 13.58
CA VAL A 17 -4.71 21.09 12.98
C VAL A 17 -4.84 21.27 11.47
N GLY A 18 -4.23 22.36 11.00
CA GLY A 18 -4.28 22.79 9.61
C GLY A 18 -5.65 23.37 9.31
N ASP A 19 -6.35 22.71 8.38
CA ASP A 19 -7.70 23.07 7.95
C ASP A 19 -8.75 22.21 8.70
N SER A 20 -8.30 21.13 9.38
CA SER A 20 -9.19 20.22 10.10
C SER A 20 -9.30 20.46 11.60
N THR A 21 -10.50 20.22 12.15
CA THR A 21 -10.82 20.27 13.58
C THR A 21 -10.68 18.81 14.06
N PHE A 22 -9.86 18.58 15.08
CA PHE A 22 -9.67 17.24 15.64
C PHE A 22 -10.32 17.26 17.00
N THR A 23 -11.37 16.46 17.21
CA THR A 23 -12.04 16.38 18.52
C THR A 23 -11.64 15.03 19.10
N VAL A 24 -10.71 15.07 20.08
CA VAL A 24 -10.13 13.85 20.64
C VAL A 24 -10.27 13.75 22.16
N LEU A 25 -10.12 12.51 22.68
CA LEU A 25 -10.10 12.18 24.12
C LEU A 25 -8.95 12.98 24.73
N LYS A 26 -9.14 13.51 25.96
CA LYS A 26 -8.11 14.34 26.63
C LYS A 26 -6.75 13.66 26.88
N ARG A 27 -6.70 12.31 26.85
CA ARG A 27 -5.43 11.55 27.00
C ARG A 27 -4.46 11.96 25.87
N TYR A 28 -4.99 12.37 24.70
CA TYR A 28 -4.18 12.75 23.55
C TYR A 28 -3.83 14.23 23.60
N GLN A 29 -2.53 14.52 23.77
CA GLN A 29 -2.03 15.89 23.92
C GLN A 29 -1.06 16.27 22.83
N ASN A 30 -0.84 17.60 22.64
CA ASN A 30 0.13 18.21 21.73
C ASN A 30 0.00 17.70 20.28
N LEU A 31 -1.20 17.87 19.71
CA LEU A 31 -1.44 17.42 18.35
C LEU A 31 -0.63 18.21 17.32
N LYS A 32 0.03 17.50 16.41
CA LYS A 32 0.86 18.14 15.39
C LYS A 32 0.62 17.42 14.08
N PRO A 33 0.36 18.12 12.96
CA PRO A 33 0.08 17.39 11.72
C PRO A 33 1.33 16.74 11.14
N ILE A 34 1.14 15.55 10.54
CA ILE A 34 2.22 14.81 9.91
C ILE A 34 2.38 15.37 8.48
N GLY A 35 1.25 15.61 7.80
CA GLY A 35 1.17 16.21 6.47
C GLY A 35 1.59 15.31 5.32
N SER A 36 2.78 14.67 5.47
CA SER A 36 3.42 13.74 4.53
C SER A 36 4.60 12.99 5.20
N GLY A 37 4.62 11.66 5.13
CA GLY A 37 3.66 10.85 4.38
C GLY A 37 2.48 10.26 5.12
N ALA A 38 1.31 10.88 4.86
CA ALA A 38 -0.04 10.61 5.36
C ALA A 38 -0.94 11.73 4.81
N GLN A 39 -1.99 11.46 3.99
CA GLN A 39 -2.70 10.24 3.55
C GLN A 39 -4.13 10.79 3.46
N GLY A 40 -4.75 10.87 4.63
CA GLY A 40 -6.01 11.52 4.91
C GLY A 40 -5.61 12.62 5.87
N ILE A 41 -6.32 12.76 6.98
CA ILE A 41 -5.92 13.76 7.98
C ILE A 41 -5.35 12.99 9.17
N VAL A 42 -4.02 13.04 9.35
CA VAL A 42 -3.27 12.30 10.39
C VAL A 42 -2.41 13.25 11.25
N CYS A 43 -2.51 13.10 12.58
CA CYS A 43 -1.76 13.87 13.57
C CYS A 43 -0.82 13.00 14.35
N ALA A 44 0.29 13.59 14.84
CA ALA A 44 1.19 13.01 15.83
C ALA A 44 0.60 13.60 17.13
N ALA A 45 0.78 12.89 18.24
CA ALA A 45 0.27 13.31 19.55
C ALA A 45 0.94 12.49 20.63
N TYR A 46 0.86 12.98 21.85
CA TYR A 46 1.36 12.28 23.03
C TYR A 46 0.15 11.68 23.74
N ASP A 47 0.19 10.38 23.99
CA ASP A 47 -0.86 9.68 24.72
C ASP A 47 -0.41 9.61 26.19
N ALA A 48 -0.99 10.48 27.03
CA ALA A 48 -0.66 10.55 28.46
C ALA A 48 -1.01 9.28 29.24
N VAL A 49 -1.97 8.47 28.77
CA VAL A 49 -2.36 7.23 29.44
C VAL A 49 -1.30 6.13 29.23
N LEU A 50 -0.87 5.94 27.98
CA LEU A 50 0.11 4.90 27.63
C LEU A 50 1.55 5.39 27.74
N ASP A 51 1.74 6.71 28.02
CA ASP A 51 3.03 7.41 28.10
C ASP A 51 3.90 7.07 26.87
N ARG A 52 3.27 7.26 25.69
CA ARG A 52 3.87 7.01 24.37
C ARG A 52 3.22 7.85 23.27
N ASN A 53 4.02 8.15 22.25
CA ASN A 53 3.65 8.93 21.08
C ASN A 53 2.80 8.11 20.13
N VAL A 54 1.70 8.72 19.65
CA VAL A 54 0.76 8.05 18.77
C VAL A 54 0.52 8.87 17.50
N ALA A 55 -0.08 8.24 16.48
CA ALA A 55 -0.55 8.85 15.26
C ALA A 55 -2.07 8.67 15.30
N ILE A 56 -2.81 9.75 15.02
CA ILE A 56 -4.26 9.77 15.04
C ILE A 56 -4.78 10.17 13.69
N LYS A 57 -5.62 9.32 13.10
CA LYS A 57 -6.24 9.56 11.82
C LYS A 57 -7.72 9.82 12.02
N LYS A 58 -8.20 10.87 11.35
CA LYS A 58 -9.61 11.22 11.40
C LYS A 58 -10.24 10.84 10.07
N LEU A 59 -11.34 10.07 10.11
CA LEU A 59 -12.20 9.70 9.00
C LEU A 59 -13.43 10.59 9.16
N SER A 60 -13.56 11.59 8.29
CA SER A 60 -14.65 12.56 8.30
C SER A 60 -15.89 12.05 7.49
N ARG A 61 -17.03 11.78 8.19
CA ARG A 61 -18.32 11.27 7.64
C ARG A 61 -18.04 10.11 6.68
N PRO A 62 -17.36 9.03 7.16
CA PRO A 62 -16.96 7.95 6.24
C PRO A 62 -18.08 7.28 5.45
N PHE A 63 -19.31 7.43 5.93
CA PHE A 63 -20.53 6.89 5.34
C PHE A 63 -21.10 7.82 4.26
N GLN A 64 -20.45 8.98 3.98
CA GLN A 64 -20.95 9.99 3.03
C GLN A 64 -21.22 9.45 1.61
N ASN A 65 -20.44 8.46 1.15
CA ASN A 65 -20.67 7.84 -0.14
C ASN A 65 -20.23 6.39 -0.05
N GLN A 66 -20.63 5.56 -1.02
CA GLN A 66 -20.34 4.13 -1.12
C GLN A 66 -18.88 3.74 -1.06
N THR A 67 -18.00 4.54 -1.70
CA THR A 67 -16.57 4.31 -1.77
C THR A 67 -15.92 4.51 -0.40
N HIS A 68 -16.13 5.68 0.26
CA HIS A 68 -15.54 5.93 1.58
C HIS A 68 -16.08 4.93 2.59
N ALA A 69 -17.39 4.56 2.47
CA ALA A 69 -18.05 3.67 3.42
C ALA A 69 -17.52 2.26 3.38
N LYS A 70 -17.43 1.65 2.17
CA LYS A 70 -16.89 0.31 1.92
C LYS A 70 -15.51 0.17 2.52
N ARG A 71 -14.61 1.13 2.22
CA ARG A 71 -13.22 1.14 2.71
C ARG A 71 -13.13 1.32 4.22
N ALA A 72 -13.86 2.31 4.80
CA ALA A 72 -13.86 2.53 6.25
C ALA A 72 -14.28 1.26 7.00
N TYR A 73 -15.39 0.63 6.54
CA TYR A 73 -15.97 -0.57 7.13
C TYR A 73 -15.05 -1.77 7.03
N ARG A 74 -14.63 -2.13 5.80
CA ARG A 74 -13.69 -3.21 5.53
C ARG A 74 -12.40 -3.09 6.37
N GLU A 75 -11.85 -1.88 6.47
CA GLU A 75 -10.57 -1.68 7.19
C GLU A 75 -10.75 -1.74 8.67
N LEU A 76 -11.88 -1.27 9.18
CA LEU A 76 -12.22 -1.37 10.60
C LEU A 76 -12.32 -2.88 11.00
N VAL A 77 -13.01 -3.73 10.18
CA VAL A 77 -13.18 -5.18 10.37
C VAL A 77 -11.83 -5.94 10.29
N LEU A 78 -10.98 -5.60 9.29
CA LEU A 78 -9.68 -6.27 9.11
C LEU A 78 -8.63 -5.80 10.13
N MET A 79 -8.63 -4.50 10.51
CA MET A 79 -7.70 -4.00 11.54
C MET A 79 -7.95 -4.69 12.90
N LYS A 80 -9.01 -5.54 12.96
CA LYS A 80 -9.40 -6.33 14.13
C LYS A 80 -8.99 -7.80 14.00
N CYS A 81 -9.11 -8.42 12.81
CA CYS A 81 -8.76 -9.85 12.66
C CYS A 81 -7.44 -10.10 11.87
N VAL A 82 -6.41 -9.26 12.14
CA VAL A 82 -5.06 -9.34 11.58
C VAL A 82 -4.07 -8.97 12.71
N ASN A 83 -3.08 -9.83 12.96
CA ASN A 83 -2.11 -9.59 14.03
C ASN A 83 -0.71 -9.91 13.54
N HIS A 84 0.02 -8.88 13.08
CA HIS A 84 1.37 -9.01 12.54
C HIS A 84 2.17 -7.73 12.71
N LYS A 85 3.46 -7.87 13.06
CA LYS A 85 4.41 -6.75 13.24
C LYS A 85 4.56 -5.84 11.99
N ASN A 86 4.29 -6.35 10.79
CA ASN A 86 4.45 -5.54 9.57
C ASN A 86 3.11 -5.03 8.96
N ILE A 87 2.00 -5.14 9.71
CA ILE A 87 0.65 -4.73 9.34
C ILE A 87 0.16 -3.85 10.47
N ILE A 88 -0.48 -2.73 10.13
CA ILE A 88 -1.05 -1.79 11.10
C ILE A 88 -1.86 -2.52 12.17
N SER A 89 -1.66 -2.15 13.42
CA SER A 89 -2.48 -2.64 14.50
C SER A 89 -2.98 -1.38 15.20
N LEU A 90 -4.25 -1.33 15.52
CA LEU A 90 -4.81 -0.14 16.18
C LEU A 90 -4.73 -0.23 17.70
N LEU A 91 -4.34 0.88 18.32
CA LEU A 91 -4.27 1.05 19.77
C LEU A 91 -5.68 1.49 20.28
N ASN A 92 -6.40 2.30 19.48
CA ASN A 92 -7.72 2.82 19.83
C ASN A 92 -8.53 3.22 18.59
N VAL A 93 -9.87 3.24 18.76
CA VAL A 93 -10.89 3.64 17.80
C VAL A 93 -11.93 4.39 18.66
N PHE A 94 -12.35 5.59 18.23
CA PHE A 94 -13.35 6.37 18.97
C PHE A 94 -14.05 7.38 18.09
N THR A 95 -15.21 7.81 18.55
CA THR A 95 -15.97 8.89 17.96
C THR A 95 -16.28 9.84 19.10
N PRO A 96 -16.22 11.17 18.90
CA PRO A 96 -16.61 12.06 19.98
C PRO A 96 -18.13 12.14 20.14
N GLN A 97 -18.91 11.64 19.14
CA GLN A 97 -20.37 11.69 19.13
C GLN A 97 -21.00 10.52 19.94
N LYS A 98 -22.01 10.89 20.74
CA LYS A 98 -22.73 10.06 21.71
C LYS A 98 -23.78 9.10 21.17
N THR A 99 -24.41 9.43 20.03
CA THR A 99 -25.47 8.60 19.47
C THR A 99 -25.22 8.34 18.01
N LEU A 100 -25.94 7.35 17.46
CA LEU A 100 -25.90 6.99 16.04
C LEU A 100 -26.40 8.18 15.24
N GLU A 101 -27.46 8.88 15.70
CA GLU A 101 -28.06 10.04 15.04
C GLU A 101 -27.04 11.21 14.96
N GLU A 102 -26.23 11.36 16.01
CA GLU A 102 -25.22 12.42 16.09
C GLU A 102 -23.91 12.04 15.40
N PHE A 103 -23.67 10.73 15.19
CA PHE A 103 -22.46 10.14 14.60
C PHE A 103 -21.98 10.81 13.33
N GLN A 104 -20.71 11.26 13.33
CA GLN A 104 -20.08 11.93 12.19
C GLN A 104 -18.69 11.40 11.89
N ASP A 105 -17.78 11.45 12.88
CA ASP A 105 -16.38 11.16 12.67
C ASP A 105 -15.83 9.99 13.45
N VAL A 106 -14.90 9.27 12.81
CA VAL A 106 -14.17 8.12 13.40
C VAL A 106 -12.70 8.52 13.54
N TYR A 107 -12.11 8.24 14.70
CA TYR A 107 -10.68 8.50 14.92
C TYR A 107 -10.00 7.19 15.15
N LEU A 108 -8.89 6.94 14.45
CA LEU A 108 -8.12 5.71 14.58
C LEU A 108 -6.76 6.08 15.16
N VAL A 109 -6.28 5.27 16.09
CA VAL A 109 -5.05 5.58 16.81
C VAL A 109 -4.07 4.44 16.68
N MET A 110 -2.82 4.76 16.34
CA MET A 110 -1.74 3.79 16.23
C MET A 110 -0.45 4.39 16.73
N GLU A 111 0.54 3.52 16.93
CA GLU A 111 1.94 3.79 17.22
C GLU A 111 2.45 4.85 16.19
N LEU A 112 3.11 5.92 16.66
CA LEU A 112 3.63 6.98 15.80
C LEU A 112 4.90 6.46 15.13
N MET A 113 4.98 6.58 13.81
CA MET A 113 6.11 6.12 13.04
C MET A 113 6.98 7.33 12.69
N ASP A 114 8.04 7.18 11.86
CA ASP A 114 8.92 8.31 11.64
C ASP A 114 8.90 8.87 10.24
N ALA A 115 8.50 8.04 9.29
CA ALA A 115 8.47 8.43 7.88
C ALA A 115 7.57 7.52 7.11
N ASN A 116 7.06 8.00 5.99
CA ASN A 116 6.38 7.10 5.10
C ASN A 116 7.45 6.57 4.11
N LEU A 117 7.16 5.43 3.42
CA LEU A 117 8.07 4.80 2.46
C LEU A 117 8.47 5.69 1.26
N CYS A 118 7.67 6.72 0.87
CA CYS A 118 8.06 7.62 -0.24
C CYS A 118 9.33 8.38 0.11
N GLN A 119 9.45 8.84 1.38
CA GLN A 119 10.60 9.58 1.88
C GLN A 119 11.83 8.69 1.90
N VAL A 120 11.69 7.42 2.37
CA VAL A 120 12.79 6.45 2.46
C VAL A 120 13.33 6.12 1.05
N ILE A 121 12.42 5.92 0.08
CA ILE A 121 12.72 5.64 -1.34
C ILE A 121 13.65 6.70 -1.94
N GLN A 122 13.51 7.97 -1.51
CA GLN A 122 14.30 9.11 -1.99
C GLN A 122 15.74 9.08 -1.45
N MET A 123 16.03 8.23 -0.46
CA MET A 123 17.36 8.13 0.13
C MET A 123 18.24 7.13 -0.62
N GLU A 124 19.54 7.33 -0.53
CA GLU A 124 20.51 6.40 -1.11
C GLU A 124 20.69 5.40 0.03
N LEU A 125 20.00 4.25 -0.06
CA LEU A 125 20.03 3.23 0.99
C LEU A 125 21.01 2.13 0.67
N ASP A 126 21.63 1.56 1.72
CA ASP A 126 22.56 0.45 1.51
C ASP A 126 21.74 -0.83 1.23
N HIS A 127 22.43 -1.93 0.88
CA HIS A 127 21.78 -3.21 0.61
C HIS A 127 21.12 -3.79 1.88
N GLU A 128 21.74 -3.58 3.06
CA GLU A 128 21.22 -4.06 4.36
C GLU A 128 19.81 -3.53 4.62
N ARG A 129 19.63 -2.21 4.41
CA ARG A 129 18.41 -1.45 4.57
C ARG A 129 17.38 -1.80 3.49
N MET A 130 17.79 -1.79 2.21
CA MET A 130 16.96 -2.14 1.07
C MET A 130 16.40 -3.56 1.28
N SER A 131 17.27 -4.59 1.46
CA SER A 131 16.85 -5.97 1.66
C SER A 131 15.97 -6.18 2.89
N TYR A 132 16.21 -5.42 3.98
CA TYR A 132 15.42 -5.48 5.21
C TYR A 132 14.01 -4.90 5.04
N LEU A 133 13.86 -3.79 4.28
CA LEU A 133 12.55 -3.20 4.05
C LEU A 133 11.72 -4.13 3.15
N LEU A 134 12.33 -4.69 2.08
CA LEU A 134 11.69 -5.64 1.18
C LEU A 134 11.25 -6.91 1.88
N TYR A 135 12.13 -7.52 2.74
CA TYR A 135 11.80 -8.72 3.54
C TYR A 135 10.54 -8.48 4.41
N GLN A 136 10.44 -7.29 5.03
CA GLN A 136 9.30 -6.94 5.89
C GLN A 136 8.04 -6.77 5.08
N MET A 137 8.14 -6.17 3.89
CA MET A 137 6.99 -6.00 2.99
C MET A 137 6.48 -7.38 2.62
N LEU A 138 7.40 -8.27 2.22
CA LEU A 138 7.11 -9.66 1.87
C LEU A 138 6.50 -10.43 3.05
N CYS A 139 6.96 -10.15 4.30
CA CYS A 139 6.42 -10.76 5.54
C CYS A 139 4.99 -10.28 5.84
N GLY A 140 4.74 -8.99 5.71
CA GLY A 140 3.42 -8.39 5.92
C GLY A 140 2.42 -8.90 4.89
N ILE A 141 2.85 -8.97 3.63
CA ILE A 141 2.08 -9.47 2.48
C ILE A 141 1.76 -10.96 2.64
N LYS A 142 2.71 -11.75 3.19
CA LYS A 142 2.55 -13.18 3.46
C LYS A 142 1.46 -13.37 4.53
N HIS A 143 1.43 -12.48 5.53
CA HIS A 143 0.47 -12.54 6.61
C HIS A 143 -0.93 -12.29 6.10
N LEU A 144 -1.11 -11.26 5.24
CA LEU A 144 -2.40 -10.91 4.63
C LEU A 144 -2.97 -12.07 3.82
N HIS A 145 -2.15 -12.69 2.98
CA HIS A 145 -2.53 -13.81 2.14
C HIS A 145 -2.99 -15.01 2.95
N SER A 146 -2.31 -15.29 4.09
CA SER A 146 -2.69 -16.40 4.98
C SER A 146 -4.07 -16.12 5.63
N ALA A 147 -4.43 -14.83 5.79
CA ALA A 147 -5.72 -14.38 6.31
C ALA A 147 -6.77 -14.30 5.18
N GLY A 148 -6.35 -14.57 3.94
CA GLY A 148 -7.22 -14.56 2.77
C GLY A 148 -7.45 -13.16 2.20
N ILE A 149 -6.48 -12.26 2.43
CA ILE A 149 -6.52 -10.89 1.94
C ILE A 149 -5.46 -10.77 0.86
N ILE A 150 -5.91 -10.45 -0.35
CA ILE A 150 -5.01 -10.18 -1.46
C ILE A 150 -5.12 -8.68 -1.69
N HIS A 151 -4.03 -7.94 -1.42
CA HIS A 151 -4.01 -6.48 -1.42
C HIS A 151 -4.41 -5.84 -2.74
N ARG A 152 -3.58 -6.02 -3.79
CA ARG A 152 -3.74 -5.52 -5.17
C ARG A 152 -3.47 -4.03 -5.36
N ASP A 153 -3.27 -3.27 -4.26
CA ASP A 153 -3.00 -1.85 -4.39
C ASP A 153 -1.95 -1.37 -3.41
N LEU A 154 -0.90 -2.19 -3.21
CA LEU A 154 0.21 -1.84 -2.34
C LEU A 154 1.01 -0.72 -2.99
N LYS A 155 1.26 0.34 -2.24
CA LYS A 155 1.96 1.52 -2.74
C LYS A 155 2.73 2.20 -1.61
N PRO A 156 3.88 2.85 -1.92
CA PRO A 156 4.70 3.49 -0.86
C PRO A 156 4.00 4.47 0.09
N SER A 157 2.99 5.20 -0.35
CA SER A 157 2.33 6.18 0.51
C SER A 157 1.48 5.56 1.64
N ASN A 158 1.19 4.23 1.58
CA ASN A 158 0.44 3.52 2.61
C ASN A 158 1.34 2.57 3.36
N ILE A 159 2.65 2.89 3.39
CA ILE A 159 3.70 2.13 4.05
C ILE A 159 4.50 3.15 4.85
N VAL A 160 4.73 2.84 6.12
CA VAL A 160 5.44 3.70 7.06
C VAL A 160 6.57 2.93 7.69
N VAL A 161 7.59 3.67 8.10
CA VAL A 161 8.80 3.12 8.68
C VAL A 161 9.20 3.92 9.91
N LYS A 162 9.91 3.25 10.81
CA LYS A 162 10.50 3.80 12.02
C LYS A 162 11.99 4.00 11.75
N SER A 163 12.68 4.82 12.58
CA SER A 163 14.13 5.08 12.47
C SER A 163 14.99 3.81 12.55
N ASP A 164 14.53 2.75 13.25
CA ASP A 164 15.20 1.43 13.38
C ASP A 164 14.94 0.47 12.17
N CYS A 165 14.39 1.02 11.08
CA CYS A 165 14.03 0.36 9.83
C CYS A 165 12.82 -0.60 9.90
N THR A 166 12.07 -0.62 11.01
CA THR A 166 10.87 -1.47 11.12
C THR A 166 9.76 -0.87 10.24
N LEU A 167 8.98 -1.73 9.58
CA LEU A 167 8.02 -1.34 8.54
C LEU A 167 6.59 -1.80 8.83
N LYS A 168 5.58 -1.03 8.39
CA LYS A 168 4.17 -1.40 8.52
C LYS A 168 3.32 -1.01 7.32
N ILE A 169 2.46 -1.93 6.87
CA ILE A 169 1.50 -1.70 5.78
C ILE A 169 0.23 -1.20 6.48
N LEU A 170 -0.26 -0.03 6.07
CA LEU A 170 -1.39 0.65 6.70
C LEU A 170 -2.74 0.36 6.09
N ASP A 171 -2.81 -0.29 4.92
CA ASP A 171 -4.13 -0.52 4.32
C ASP A 171 -4.28 -1.94 3.81
N PHE A 172 -5.49 -2.26 3.31
CA PHE A 172 -5.85 -3.59 2.87
C PHE A 172 -6.22 -3.69 1.39
N GLY A 173 -6.02 -2.61 0.64
CA GLY A 173 -6.18 -2.61 -0.80
C GLY A 173 -7.58 -2.59 -1.34
N LEU A 174 -7.70 -3.04 -2.59
CA LEU A 174 -8.92 -3.06 -3.39
C LEU A 174 -10.02 -3.94 -2.85
N ALA A 175 -11.26 -3.47 -3.07
CA ALA A 175 -12.47 -4.18 -2.68
C ALA A 175 -12.63 -5.45 -3.53
N ARG A 176 -13.25 -6.51 -2.95
CA ARG A 176 -13.54 -7.80 -3.61
C ARG A 176 -14.37 -7.51 -4.87
N THR A 177 -15.44 -6.70 -4.72
CA THR A 177 -16.27 -6.25 -5.83
C THR A 177 -15.71 -4.93 -6.37
N ALA A 178 -16.32 -4.36 -7.41
CA ALA A 178 -15.88 -3.11 -8.04
C ALA A 178 -17.13 -2.24 -8.48
N GLY A 179 -17.05 -1.31 -9.46
CA GLY A 179 -15.88 -0.97 -10.29
C GLY A 179 -15.36 0.43 -10.08
N THR A 180 -14.40 0.56 -9.13
CA THR A 180 -13.69 1.78 -8.69
C THR A 180 -14.45 3.08 -9.11
N SER A 181 -15.66 3.27 -8.52
CA SER A 181 -16.56 4.39 -8.77
C SER A 181 -15.90 5.74 -8.50
N PHE A 182 -16.31 6.77 -9.27
CA PHE A 182 -15.81 8.15 -9.24
C PHE A 182 -15.74 8.75 -7.81
N MET A 183 -14.85 9.74 -7.63
CA MET A 183 -14.68 10.44 -6.35
C MET A 183 -14.77 11.95 -6.55
N MET A 184 -15.94 12.53 -6.19
CA MET A 184 -16.17 13.96 -6.30
C MET A 184 -15.50 14.69 -5.14
N THR A 185 -14.16 14.70 -5.19
CA THR A 185 -13.25 15.28 -4.21
C THR A 185 -11.93 15.62 -4.91
N PRO A 186 -11.19 16.68 -4.51
CA PRO A 186 -9.94 17.01 -5.21
C PRO A 186 -8.76 16.13 -4.77
N TYR A 187 -8.81 14.82 -5.12
CA TYR A 187 -7.72 13.86 -4.87
C TYR A 187 -7.67 12.77 -5.94
N VAL A 188 -6.43 12.43 -6.36
CA VAL A 188 -6.15 11.41 -7.39
C VAL A 188 -5.64 10.12 -6.75
N VAL A 189 -5.98 8.97 -7.36
CA VAL A 189 -5.53 7.67 -6.89
C VAL A 189 -4.21 7.31 -7.58
N THR A 190 -3.22 6.86 -6.78
CA THR A 190 -1.92 6.42 -7.31
C THR A 190 -2.11 5.01 -7.84
N ARG A 191 -1.93 4.82 -9.17
CA ARG A 191 -2.08 3.55 -9.88
C ARG A 191 -0.76 2.92 -10.40
N TYR A 192 0.37 3.64 -10.32
CA TYR A 192 1.69 3.22 -10.83
C TYR A 192 2.24 1.87 -10.33
N TYR A 193 1.75 1.36 -9.18
CA TYR A 193 2.28 0.13 -8.56
C TYR A 193 1.38 -1.07 -8.82
N ARG A 194 0.27 -0.86 -9.56
CA ARG A 194 -0.69 -1.92 -9.88
C ARG A 194 -0.18 -2.88 -10.94
N ALA A 195 -0.39 -4.17 -10.68
CA ALA A 195 0.02 -5.29 -11.51
C ALA A 195 -0.68 -5.27 -12.84
N PRO A 196 -0.10 -5.84 -13.93
CA PRO A 196 -0.83 -5.89 -15.22
C PRO A 196 -2.21 -6.52 -15.09
N GLU A 197 -2.36 -7.55 -14.23
CA GLU A 197 -3.64 -8.21 -14.06
C GLU A 197 -4.68 -7.25 -13.49
N VAL A 198 -4.23 -6.20 -12.79
CA VAL A 198 -5.11 -5.15 -12.27
C VAL A 198 -5.37 -4.10 -13.37
N ILE A 199 -4.31 -3.64 -14.07
CA ILE A 199 -4.39 -2.66 -15.18
C ILE A 199 -5.37 -3.11 -16.29
N LEU A 200 -5.31 -4.41 -16.63
CA LEU A 200 -6.08 -4.99 -17.72
C LEU A 200 -7.32 -5.82 -17.32
N GLY A 201 -7.78 -5.72 -16.07
CA GLY A 201 -8.94 -6.43 -15.52
C GLY A 201 -8.90 -7.92 -15.81
N MET A 202 -7.89 -8.64 -15.27
CA MET A 202 -7.63 -10.03 -15.64
C MET A 202 -8.04 -11.19 -14.74
N GLY A 203 -8.05 -10.99 -13.43
CA GLY A 203 -8.20 -12.12 -12.53
C GLY A 203 -6.80 -12.33 -11.99
N TYR A 204 -6.70 -12.83 -10.76
CA TYR A 204 -5.40 -12.86 -10.09
C TYR A 204 -5.27 -13.92 -9.01
N LYS A 205 -4.03 -14.09 -8.52
CA LYS A 205 -3.70 -14.91 -7.36
C LYS A 205 -2.81 -14.08 -6.42
N GLU A 206 -2.33 -14.67 -5.31
CA GLU A 206 -1.50 -14.02 -4.30
C GLU A 206 -0.34 -13.18 -4.85
N ASN A 207 0.38 -13.69 -5.88
CA ASN A 207 1.56 -12.99 -6.42
C ASN A 207 1.26 -11.71 -7.23
N VAL A 208 -0.01 -11.22 -7.23
CA VAL A 208 -0.40 -9.94 -7.85
C VAL A 208 0.39 -8.80 -7.13
N ASP A 209 0.58 -8.98 -5.83
CA ASP A 209 1.28 -8.08 -4.91
C ASP A 209 2.80 -8.05 -5.11
N ILE A 210 3.36 -9.10 -5.73
CA ILE A 210 4.80 -9.18 -6.01
C ILE A 210 5.19 -8.08 -6.99
N TRP A 211 4.33 -7.82 -8.00
CA TRP A 211 4.58 -6.76 -9.00
C TRP A 211 4.75 -5.44 -8.27
N SER A 212 3.82 -5.10 -7.36
CA SER A 212 3.88 -3.89 -6.54
C SER A 212 5.21 -3.78 -5.80
N VAL A 213 5.67 -4.92 -5.17
CA VAL A 213 6.97 -4.98 -4.48
C VAL A 213 8.11 -4.69 -5.47
N GLY A 214 8.00 -5.19 -6.69
CA GLY A 214 9.01 -4.97 -7.74
C GLY A 214 9.09 -3.53 -8.17
N CYS A 215 7.92 -2.84 -8.27
CA CYS A 215 7.82 -1.42 -8.64
C CYS A 215 8.44 -0.54 -7.55
N ILE A 216 8.22 -0.92 -6.27
CA ILE A 216 8.77 -0.21 -5.10
C ILE A 216 10.28 -0.39 -5.09
N MET A 217 10.74 -1.66 -5.20
CA MET A 217 12.16 -2.00 -5.27
C MET A 217 12.90 -1.30 -6.43
N GLY A 218 12.33 -1.31 -7.63
CA GLY A 218 12.94 -0.65 -8.78
C GLY A 218 13.09 0.85 -8.57
N GLU A 219 12.06 1.49 -7.96
CA GLU A 219 12.05 2.93 -7.65
C GLU A 219 13.10 3.30 -6.61
N MET A 220 13.37 2.41 -5.62
CA MET A 220 14.44 2.61 -4.61
C MET A 220 15.80 2.74 -5.29
N VAL A 221 16.02 1.95 -6.35
CA VAL A 221 17.26 1.87 -7.16
C VAL A 221 17.34 3.05 -8.14
N ARG A 222 16.29 3.22 -8.98
CA ARG A 222 16.21 4.22 -10.04
C ARG A 222 15.93 5.64 -9.55
N HIS A 223 15.15 5.79 -8.47
CA HIS A 223 14.74 7.09 -7.87
C HIS A 223 13.78 7.86 -8.79
N LYS A 224 13.01 7.10 -9.59
CA LYS A 224 11.96 7.57 -10.49
C LYS A 224 10.89 6.49 -10.53
N ILE A 225 9.62 6.91 -10.59
CA ILE A 225 8.48 6.01 -10.75
C ILE A 225 8.75 5.21 -12.06
N LEU A 226 8.78 3.88 -11.94
CA LEU A 226 9.03 2.95 -13.05
C LEU A 226 7.96 3.04 -14.13
N PHE A 227 6.67 3.03 -13.73
CA PHE A 227 5.62 3.05 -14.76
C PHE A 227 4.64 4.21 -14.57
N PRO A 228 5.06 5.47 -14.89
CA PRO A 228 4.13 6.61 -14.73
C PRO A 228 3.08 6.68 -15.85
N GLY A 229 2.25 7.73 -15.81
CA GLY A 229 1.23 7.95 -16.83
C GLY A 229 -0.05 8.57 -16.32
N ARG A 230 -0.79 9.30 -17.20
CA ARG A 230 -2.06 9.98 -16.86
C ARG A 230 -3.09 8.99 -16.37
N ASP A 231 -3.17 7.81 -17.02
CA ASP A 231 -4.04 6.71 -16.62
C ASP A 231 -3.42 5.41 -17.15
N TYR A 232 -4.20 4.31 -17.19
CA TYR A 232 -3.77 2.98 -17.64
C TYR A 232 -3.21 2.90 -19.05
N ILE A 233 -3.63 3.78 -19.99
CA ILE A 233 -3.15 3.79 -21.39
C ILE A 233 -1.66 4.05 -21.37
N ASP A 234 -1.27 5.27 -20.90
CA ASP A 234 0.13 5.71 -20.72
C ASP A 234 0.92 4.72 -19.90
N GLN A 235 0.33 4.26 -18.80
CA GLN A 235 0.96 3.32 -17.86
C GLN A 235 1.35 2.01 -18.52
N TRP A 236 0.42 1.38 -19.27
CA TRP A 236 0.70 0.12 -20.00
C TRP A 236 1.82 0.33 -21.02
N ASN A 237 1.88 1.53 -21.67
CA ASN A 237 2.94 1.89 -22.62
C ASN A 237 4.29 1.82 -21.90
N LYS A 238 4.40 2.41 -20.70
CA LYS A 238 5.63 2.35 -19.92
C LYS A 238 6.08 0.91 -19.58
N VAL A 239 5.12 0.01 -19.32
CA VAL A 239 5.35 -1.40 -18.99
C VAL A 239 5.91 -2.16 -20.20
N ILE A 240 5.33 -1.94 -21.39
CA ILE A 240 5.74 -2.66 -22.57
C ILE A 240 7.02 -2.10 -23.17
N GLU A 241 7.28 -0.77 -23.06
CA GLU A 241 8.53 -0.15 -23.56
C GLU A 241 9.77 -0.69 -22.79
N GLN A 242 9.59 -1.05 -21.50
CA GLN A 242 10.68 -1.47 -20.64
C GLN A 242 10.86 -2.97 -20.48
N LEU A 243 9.78 -3.71 -20.30
CA LEU A 243 9.84 -5.17 -20.11
C LEU A 243 9.64 -5.96 -21.39
N GLY A 244 9.09 -5.33 -22.40
CA GLY A 244 8.80 -5.97 -23.67
C GLY A 244 7.36 -6.46 -23.75
N THR A 245 6.86 -6.57 -24.99
CA THR A 245 5.52 -7.08 -25.30
C THR A 245 5.40 -8.48 -24.67
N PRO A 246 4.33 -8.79 -23.93
CA PRO A 246 4.26 -10.13 -23.31
C PRO A 246 4.08 -11.27 -24.32
N CYS A 247 4.31 -12.52 -23.89
CA CYS A 247 4.22 -13.72 -24.71
C CYS A 247 2.76 -14.05 -25.15
N PRO A 248 2.56 -14.74 -26.31
CA PRO A 248 1.19 -15.07 -26.74
C PRO A 248 0.37 -15.85 -25.71
N GLU A 249 1.01 -16.67 -24.85
CA GLU A 249 0.31 -17.46 -23.83
C GLU A 249 -0.35 -16.58 -22.72
N PHE A 250 0.24 -15.42 -22.37
CA PHE A 250 -0.29 -14.46 -21.39
C PHE A 250 -1.50 -13.74 -22.00
N MET A 251 -1.40 -13.42 -23.30
CA MET A 251 -2.45 -12.68 -23.99
C MET A 251 -3.68 -13.55 -24.28
N LYS A 252 -3.52 -14.89 -24.30
CA LYS A 252 -4.63 -15.84 -24.44
C LYS A 252 -5.45 -15.91 -23.12
N LYS A 253 -5.03 -15.15 -22.09
CA LYS A 253 -5.69 -15.09 -20.79
C LYS A 253 -6.40 -13.76 -20.56
N LEU A 254 -6.39 -12.87 -21.57
CA LEU A 254 -7.05 -11.56 -21.47
C LEU A 254 -8.49 -11.64 -22.02
N GLN A 255 -9.38 -10.69 -21.58
CA GLN A 255 -10.77 -10.55 -22.04
C GLN A 255 -10.71 -10.24 -23.54
N PRO A 256 -11.72 -10.56 -24.41
CA PRO A 256 -11.54 -10.32 -25.86
C PRO A 256 -11.17 -8.88 -26.28
N THR A 257 -11.90 -7.87 -25.76
CA THR A 257 -11.69 -6.45 -26.05
C THR A 257 -10.32 -5.95 -25.58
N VAL A 258 -9.89 -6.36 -24.38
CA VAL A 258 -8.60 -6.00 -23.79
C VAL A 258 -7.52 -6.68 -24.62
N ARG A 259 -7.75 -7.97 -24.99
CA ARG A 259 -6.82 -8.76 -25.79
C ARG A 259 -6.49 -8.03 -27.10
N ASN A 260 -7.55 -7.56 -27.81
CA ASN A 260 -7.47 -6.83 -29.06
C ASN A 260 -6.58 -5.58 -28.93
N TYR A 261 -6.87 -4.70 -27.93
CA TYR A 261 -6.11 -3.47 -27.68
C TYR A 261 -4.63 -3.77 -27.46
N VAL A 262 -4.33 -4.73 -26.57
CA VAL A 262 -2.97 -5.12 -26.18
C VAL A 262 -2.17 -5.65 -27.37
N GLU A 263 -2.73 -6.63 -28.11
CA GLU A 263 -2.05 -7.24 -29.27
C GLU A 263 -1.84 -6.22 -30.41
N ASN A 264 -2.70 -5.19 -30.49
CA ASN A 264 -2.60 -4.17 -31.54
C ASN A 264 -1.70 -2.99 -31.16
N ARG A 265 -1.08 -3.04 -29.97
CA ARG A 265 -0.11 -2.03 -29.56
C ARG A 265 1.21 -2.34 -30.30
N PRO A 266 2.07 -1.32 -30.64
CA PRO A 266 3.35 -1.63 -31.32
C PRO A 266 4.21 -2.57 -30.47
N LYS A 267 4.97 -3.46 -31.11
CA LYS A 267 5.83 -4.43 -30.42
C LYS A 267 7.16 -3.85 -29.98
N TYR A 268 7.58 -4.19 -28.75
CA TYR A 268 8.83 -3.80 -28.13
C TYR A 268 9.52 -5.08 -27.65
N ALA A 269 10.87 -5.14 -27.79
CA ALA A 269 11.65 -6.30 -27.37
C ALA A 269 11.88 -6.25 -25.87
N GLY A 270 11.85 -5.06 -25.31
CA GLY A 270 12.09 -4.85 -23.89
C GLY A 270 13.57 -4.82 -23.61
N LEU A 271 13.97 -3.85 -22.79
CA LEU A 271 15.35 -3.64 -22.35
C LEU A 271 15.73 -4.78 -21.40
N THR A 272 17.02 -5.16 -21.34
CA THR A 272 17.47 -6.20 -20.41
C THR A 272 17.50 -5.58 -19.01
N PHE A 273 17.50 -6.41 -17.96
CA PHE A 273 17.55 -5.93 -16.58
C PHE A 273 18.86 -5.18 -16.26
N PRO A 274 20.06 -5.57 -16.77
CA PRO A 274 21.25 -4.71 -16.54
C PRO A 274 21.10 -3.33 -17.19
N LYS A 275 20.31 -3.22 -18.26
CA LYS A 275 20.06 -1.94 -18.92
C LYS A 275 19.00 -1.15 -18.17
N LEU A 276 18.00 -1.84 -17.60
CA LEU A 276 16.96 -1.17 -16.83
C LEU A 276 17.46 -0.70 -15.46
N PHE A 277 18.49 -1.40 -14.93
CA PHE A 277 19.08 -1.11 -13.62
C PHE A 277 20.61 -1.27 -13.69
N PRO A 278 21.35 -0.29 -14.28
CA PRO A 278 22.81 -0.46 -14.40
C PRO A 278 23.57 -0.46 -13.07
N ASP A 279 24.82 -0.98 -13.10
CA ASP A 279 25.73 -1.09 -11.95
C ASP A 279 25.95 0.25 -11.28
N SER A 280 25.92 1.35 -12.07
CA SER A 280 26.11 2.72 -11.60
C SER A 280 25.05 3.17 -10.59
N LEU A 281 23.86 2.53 -10.59
CA LEU A 281 22.80 2.82 -9.60
C LEU A 281 23.06 2.11 -8.27
N PHE A 282 24.01 1.17 -8.25
CA PHE A 282 24.36 0.39 -7.07
C PHE A 282 25.78 0.69 -6.56
N PRO A 283 26.07 0.52 -5.25
CA PRO A 283 27.46 0.67 -4.79
C PRO A 283 28.37 -0.39 -5.45
N ALA A 284 29.56 0.02 -5.95
CA ALA A 284 30.51 -0.88 -6.63
C ALA A 284 31.85 -0.93 -5.93
N ASP A 285 31.86 -0.41 -4.70
CA ASP A 285 33.04 -0.23 -3.84
C ASP A 285 33.75 -1.53 -3.36
N SER A 286 33.01 -2.67 -3.24
CA SER A 286 33.57 -3.93 -2.74
C SER A 286 32.98 -5.15 -3.44
N GLU A 287 33.62 -6.33 -3.23
CA GLU A 287 33.11 -7.61 -3.72
C GLU A 287 31.73 -7.89 -3.10
N HIS A 288 31.57 -7.65 -1.77
CA HIS A 288 30.29 -7.82 -1.08
C HIS A 288 29.18 -7.09 -1.83
N ASN A 289 29.44 -5.84 -2.23
CA ASN A 289 28.45 -5.03 -2.94
C ASN A 289 28.24 -5.46 -4.38
N LYS A 290 29.31 -5.93 -5.08
CA LYS A 290 29.17 -6.43 -6.45
C LYS A 290 28.19 -7.62 -6.50
N LEU A 291 28.30 -8.55 -5.53
CA LEU A 291 27.39 -9.69 -5.41
C LEU A 291 25.96 -9.24 -5.07
N LYS A 292 25.82 -8.34 -4.05
CA LYS A 292 24.52 -7.80 -3.65
C LYS A 292 23.82 -7.07 -4.80
N ALA A 293 24.56 -6.35 -5.67
CA ALA A 293 23.94 -5.67 -6.83
C ALA A 293 23.38 -6.70 -7.83
N SER A 294 24.15 -7.78 -8.14
CA SER A 294 23.70 -8.85 -9.05
C SER A 294 22.52 -9.65 -8.47
N GLN A 295 22.49 -9.85 -7.12
CA GLN A 295 21.39 -10.52 -6.41
C GLN A 295 20.14 -9.66 -6.45
N ALA A 296 20.28 -8.32 -6.26
CA ALA A 296 19.15 -7.38 -6.31
C ALA A 296 18.56 -7.33 -7.72
N ARG A 297 19.44 -7.27 -8.76
CA ARG A 297 18.98 -7.27 -10.15
C ARG A 297 18.26 -8.59 -10.51
N ASP A 298 18.75 -9.75 -10.02
CA ASP A 298 18.10 -11.05 -10.22
C ASP A 298 16.68 -11.08 -9.63
N LEU A 299 16.52 -10.57 -8.41
CA LEU A 299 15.20 -10.53 -7.76
C LEU A 299 14.23 -9.60 -8.53
N LEU A 300 14.73 -8.44 -9.02
CA LEU A 300 13.95 -7.48 -9.80
C LEU A 300 13.41 -8.10 -11.07
N SER A 301 14.24 -8.96 -11.72
CA SER A 301 13.88 -9.66 -12.97
C SER A 301 12.85 -10.77 -12.74
N LYS A 302 12.73 -11.26 -11.50
CA LYS A 302 11.78 -12.30 -11.09
C LYS A 302 10.46 -11.65 -10.63
N MET A 303 10.55 -10.41 -10.15
CA MET A 303 9.39 -9.67 -9.64
C MET A 303 8.68 -8.87 -10.73
N LEU A 304 9.43 -8.13 -11.57
CA LEU A 304 8.84 -7.31 -12.62
C LEU A 304 8.62 -8.16 -13.87
N VAL A 305 7.69 -9.14 -13.77
CA VAL A 305 7.33 -10.12 -14.82
C VAL A 305 5.86 -9.91 -15.18
N ILE A 306 5.58 -9.53 -16.43
CA ILE A 306 4.22 -9.23 -16.91
C ILE A 306 3.25 -10.42 -16.67
N ASP A 307 3.60 -11.63 -17.09
CA ASP A 307 2.74 -12.81 -16.87
C ASP A 307 2.80 -13.29 -15.41
N PRO A 308 1.69 -13.28 -14.65
CA PRO A 308 1.75 -13.79 -13.26
C PRO A 308 2.14 -15.27 -13.13
N ALA A 309 1.83 -16.13 -14.14
CA ALA A 309 2.21 -17.55 -14.14
C ALA A 309 3.74 -17.77 -14.14
N LYS A 310 4.52 -16.76 -14.60
CA LYS A 310 5.99 -16.81 -14.64
C LYS A 310 6.62 -15.87 -13.60
N ARG A 311 5.77 -15.15 -12.82
CA ARG A 311 6.24 -14.24 -11.78
C ARG A 311 6.53 -15.02 -10.50
N ILE A 312 7.58 -14.60 -9.74
CA ILE A 312 7.96 -15.19 -8.45
C ILE A 312 6.82 -15.07 -7.38
N SER A 313 6.67 -16.11 -6.53
CA SER A 313 5.68 -16.14 -5.44
C SER A 313 6.28 -15.43 -4.21
N VAL A 314 5.44 -15.11 -3.22
CA VAL A 314 5.85 -14.48 -1.95
C VAL A 314 6.88 -15.37 -1.19
N ASP A 315 6.61 -16.69 -1.11
CA ASP A 315 7.45 -17.70 -0.46
C ASP A 315 8.82 -17.85 -1.12
N ASP A 316 8.87 -17.83 -2.47
CA ASP A 316 10.10 -17.96 -3.23
C ASP A 316 10.88 -16.65 -3.16
N ALA A 317 10.16 -15.51 -3.06
CA ALA A 317 10.81 -14.20 -2.94
C ALA A 317 11.53 -14.12 -1.60
N LEU A 318 10.91 -14.72 -0.55
CA LEU A 318 11.44 -14.72 0.81
C LEU A 318 12.68 -15.57 0.95
N GLN A 319 12.79 -16.62 0.13
CA GLN A 319 13.90 -17.56 0.10
C GLN A 319 15.00 -17.12 -0.87
N HIS A 320 14.75 -16.05 -1.67
CA HIS A 320 15.72 -15.50 -2.61
C HIS A 320 16.99 -15.01 -1.86
N PRO A 321 18.21 -15.30 -2.39
CA PRO A 321 19.45 -14.89 -1.69
C PRO A 321 19.57 -13.43 -1.24
N TYR A 322 18.94 -12.49 -1.97
CA TYR A 322 18.96 -11.08 -1.58
C TYR A 322 18.14 -10.84 -0.30
N ILE A 323 17.09 -11.68 -0.07
CA ILE A 323 16.14 -11.56 1.04
C ILE A 323 16.36 -12.48 2.25
N ASN A 324 16.60 -13.81 2.02
CA ASN A 324 16.63 -14.85 3.06
C ASN A 324 17.65 -14.64 4.19
N VAL A 325 18.52 -13.61 4.08
CA VAL A 325 19.50 -13.25 5.10
C VAL A 325 18.81 -12.73 6.39
N TRP A 326 17.55 -12.25 6.25
CA TRP A 326 16.72 -11.70 7.32
C TRP A 326 15.78 -12.71 8.00
N TYR A 327 15.75 -13.97 7.54
CA TYR A 327 14.92 -15.02 8.13
C TYR A 327 15.39 -15.38 9.56
N ASP A 328 14.51 -15.15 10.56
CA ASP A 328 14.74 -15.39 11.98
C ASP A 328 13.64 -16.28 12.56
N GLN A 343 -16.23 -14.07 5.71
CA GLN A 343 -16.18 -12.97 4.76
C GLN A 343 -17.46 -12.11 4.80
N LEU A 344 -17.28 -10.78 4.93
CA LEU A 344 -18.32 -9.73 5.01
C LEU A 344 -17.66 -8.35 4.84
N ASP A 345 -18.31 -7.32 4.23
CA ASP A 345 -19.62 -7.22 3.57
C ASP A 345 -19.45 -6.08 2.54
N GLU A 346 -19.31 -6.43 1.26
CA GLU A 346 -19.05 -5.49 0.16
C GLU A 346 -20.27 -5.18 -0.75
N ARG A 347 -21.49 -5.55 -0.31
CA ARG A 347 -22.70 -5.30 -1.10
C ARG A 347 -23.12 -3.82 -1.04
N GLU A 348 -24.00 -3.41 -1.97
CA GLU A 348 -24.52 -2.06 -2.10
C GLU A 348 -25.42 -1.68 -0.92
N HIS A 349 -25.05 -0.60 -0.22
CA HIS A 349 -25.81 -0.08 0.90
C HIS A 349 -26.02 1.44 0.73
N THR A 350 -27.07 1.95 1.39
CA THR A 350 -27.41 3.37 1.41
C THR A 350 -26.56 4.05 2.51
N ILE A 351 -26.57 5.40 2.57
CA ILE A 351 -25.85 6.24 3.56
C ILE A 351 -26.19 5.78 4.98
N GLU A 352 -27.50 5.66 5.29
CA GLU A 352 -27.99 5.28 6.61
C GLU A 352 -27.50 3.91 7.07
N GLU A 353 -27.51 2.93 6.16
CA GLU A 353 -27.11 1.55 6.44
C GLU A 353 -25.64 1.47 6.79
N TRP A 354 -24.79 2.14 5.99
CA TRP A 354 -23.33 2.21 6.14
C TRP A 354 -22.98 2.92 7.44
N LYS A 355 -23.69 4.02 7.75
CA LYS A 355 -23.51 4.78 8.98
C LYS A 355 -23.67 3.90 10.23
N GLU A 356 -24.72 3.05 10.26
CA GLU A 356 -25.00 2.14 11.36
C GLU A 356 -24.00 1.00 11.47
N LEU A 357 -23.65 0.39 10.32
CA LEU A 357 -22.68 -0.71 10.24
C LEU A 357 -21.31 -0.25 10.73
N ILE A 358 -20.88 0.97 10.32
CA ILE A 358 -19.62 1.58 10.77
C ILE A 358 -19.72 1.90 12.27
N TYR A 359 -20.82 2.57 12.69
CA TYR A 359 -21.05 2.95 14.09
C TYR A 359 -20.93 1.80 15.09
N LYS A 360 -21.58 0.66 14.80
CA LYS A 360 -21.54 -0.49 15.70
C LYS A 360 -20.15 -1.13 15.75
N GLU A 361 -19.32 -1.01 14.67
CA GLU A 361 -17.96 -1.53 14.66
C GLU A 361 -17.08 -0.62 15.52
N VAL A 362 -17.35 0.71 15.51
CA VAL A 362 -16.68 1.72 16.32
C VAL A 362 -17.03 1.47 17.82
N MET A 363 -18.25 0.95 18.09
CA MET A 363 -18.73 0.66 19.45
C MET A 363 -18.40 -0.77 19.94
N ASN A 364 -18.12 -1.71 18.99
CA ASN A 364 -17.81 -3.14 19.16
C ASN A 364 -18.71 -3.85 20.18
#